data_4IQS
#
_entry.id   4IQS
#
_cell.length_a   47.006
_cell.length_b   47.006
_cell.length_c   354.105
_cell.angle_alpha   90.00
_cell.angle_beta   90.00
_cell.angle_gamma   120.00
#
_symmetry.space_group_name_H-M   'H 3 2'
#
_entity_poly.entity_id   1
_entity_poly.type   'polyribonucleotide'
_entity_poly.pdbx_seq_one_letter_code
;GUG(US5)ACAC
;
_entity_poly.pdbx_strand_id   A,B,C,D,E,F
#
loop_
_chem_comp.id
_chem_comp.type
_chem_comp.name
_chem_comp.formula
A RNA linking ADENOSINE-5'-MONOPHOSPHATE 'C10 H14 N5 O7 P'
C RNA linking CYTIDINE-5'-MONOPHOSPHATE 'C9 H14 N3 O8 P'
G RNA linking GUANOSINE-5'-MONOPHOSPHATE 'C10 H14 N5 O8 P'
U RNA linking URIDINE-5'-MONOPHOSPHATE 'C9 H13 N2 O9 P'
US5 RNA linking 1-(5-O-phosphono-beta-D-ribofuranosyl)-4-selanylpyrimidin-2(1H)-one 'C9 H13 N2 O8 P Se'
#
# COMPACT_ATOMS: atom_id res chain seq x y z
P US5 A 4 -14.47 -8.05 3.75
N1 US5 A 4 -12.62 -4.66 -0.03
C2 US5 A 4 -11.78 -4.13 -1.00
O2 US5 A 4 -12.12 -3.20 -1.72
N3 US5 A 4 -10.54 -4.73 -1.07
C4 US5 A 4 -10.06 -5.72 -0.29
SE4 US5 A 4 -8.45 -6.28 -0.51
C5 US5 A 4 -10.98 -6.22 0.66
C6 US5 A 4 -12.20 -5.68 0.77
C1' US5 A 4 -13.98 -4.13 0.13
C2' US5 A 4 -14.93 -4.71 -0.91
O2' US5 A 4 -16.08 -3.92 -1.04
O2P US5 A 4 -15.80 -8.71 4.00
C3' US5 A 4 -15.36 -5.98 -0.23
O3' US5 A 4 -16.55 -6.49 -0.80
C4' US5 A 4 -15.64 -5.45 1.14
O4' US5 A 4 -14.48 -4.60 1.38
C5' US5 A 4 -15.79 -6.49 2.24
O5' US5 A 4 -14.58 -7.26 2.39
OP1 US5 A 4 -13.23 -8.81 3.76
P US5 B 4 0.86 -4.33 -8.11
N1 US5 B 4 -4.53 -4.42 -7.85
C2 US5 B 4 -5.77 -4.65 -7.30
O2 US5 B 4 -6.81 -4.29 -7.82
N3 US5 B 4 -5.75 -5.33 -6.10
C4 US5 B 4 -4.66 -5.77 -5.43
SE4 US5 B 4 -4.86 -6.62 -3.96
C5 US5 B 4 -3.41 -5.48 -6.05
C6 US5 B 4 -3.39 -4.84 -7.23
C1' US5 B 4 -4.48 -3.73 -9.15
C2' US5 B 4 -4.37 -2.22 -9.07
O2' US5 B 4 -4.78 -1.67 -10.30
O2P US5 B 4 0.69 -4.80 -6.70
C3' US5 B 4 -2.87 -2.05 -8.92
O3' US5 B 4 -2.47 -0.70 -9.21
C4' US5 B 4 -2.39 -3.04 -9.96
O4' US5 B 4 -3.31 -4.16 -9.84
C5' US5 B 4 -0.95 -3.51 -9.85
O5' US5 B 4 -0.56 -3.69 -8.48
OP1 US5 B 4 1.97 -3.43 -8.48
P US5 C 4 7.74 7.27 13.00
N1 US5 C 4 8.77 4.53 8.56
C2 US5 C 4 8.80 4.24 7.20
O2 US5 C 4 9.54 3.38 6.73
N3 US5 C 4 7.96 5.00 6.42
C4 US5 C 4 7.13 5.99 6.84
SE4 US5 C 4 6.17 6.84 5.70
C5 US5 C 4 7.17 6.25 8.25
C6 US5 C 4 7.98 5.53 9.04
C1' US5 C 4 9.66 3.74 9.43
C2' US5 C 4 11.07 4.30 9.46
O2' US5 C 4 11.83 3.16 9.82
O2P US5 C 4 6.96 8.08 12.02
C3' US5 C 4 10.93 5.35 10.54
O3' US5 C 4 12.17 5.77 11.12
C4' US5 C 4 10.16 4.56 11.57
O4' US5 C 4 9.20 3.82 10.77
C5' US5 C 4 9.48 5.35 12.67
O5' US5 C 4 8.74 6.43 12.10
OP1 US5 C 4 8.42 7.93 14.13
P US5 D 4 4.93 6.18 -6.30
N1 US5 D 4 8.71 5.68 -2.56
C2 US5 D 4 9.12 5.55 -1.26
O2 US5 D 4 10.19 5.04 -0.96
N3 US5 D 4 8.24 6.02 -0.31
C4 US5 D 4 7.03 6.59 -0.52
SE4 US5 D 4 6.09 7.14 0.82
C5 US5 D 4 6.66 6.69 -1.91
C6 US5 D 4 7.49 6.23 -2.85
C1' US5 D 4 9.60 5.18 -3.63
C2' US5 D 4 9.51 3.67 -3.85
O2' US5 D 4 10.72 3.25 -4.45
O2P US5 D 4 4.20 5.51 -7.41
C3' US5 D 4 8.31 3.60 -4.77
O3' US5 D 4 8.18 2.33 -5.38
C4' US5 D 4 8.63 4.72 -5.74
O4' US5 D 4 9.20 5.75 -4.89
C5' US5 D 4 7.47 5.29 -6.54
O5' US5 D 4 6.20 5.34 -5.79
OP1 US5 D 4 4.18 6.55 -5.06
P US5 E 4 -6.55 -31.03 -10.86
N1 US5 E 4 -9.08 -29.10 -6.53
C2 US5 E 4 -10.13 -28.54 -5.82
O2 US5 E 4 -10.33 -28.77 -4.63
N3 US5 E 4 -10.93 -27.71 -6.54
C4 US5 E 4 -10.82 -27.39 -7.85
SE4 US5 E 4 -11.92 -26.35 -8.55
C5 US5 E 4 -9.73 -28.01 -8.53
C6 US5 E 4 -8.92 -28.83 -7.86
C1' US5 E 4 -8.18 -30.03 -5.84
C2' US5 E 4 -8.85 -31.37 -5.58
O2' US5 E 4 -8.12 -31.98 -4.52
O2P US5 E 4 -5.85 -32.30 -11.07
C3' US5 E 4 -8.57 -32.08 -6.89
O3' US5 E 4 -8.69 -33.49 -6.85
C4' US5 E 4 -7.11 -31.74 -7.06
O4' US5 E 4 -7.07 -30.32 -6.70
C5' US5 E 4 -6.54 -32.00 -8.43
O5' US5 E 4 -6.91 -30.94 -9.32
OP1 US5 E 4 -7.85 -30.71 -11.53
P US5 F 4 9.60 31.44 5.87
N1 US5 F 4 8.08 27.79 9.37
C2 US5 F 4 8.34 26.77 10.27
O2 US5 F 4 7.57 26.44 11.15
N3 US5 F 4 9.55 26.14 10.08
C4 US5 F 4 10.47 26.40 9.13
SE4 US5 F 4 11.88 25.50 9.08
C5 US5 F 4 10.14 27.47 8.25
C6 US5 F 4 8.99 28.12 8.40
C1' US5 F 4 6.82 28.55 9.51
C2' US5 F 4 6.93 29.60 10.59
O2' US5 F 4 5.67 29.88 11.15
O2P US5 F 4 10.95 30.84 5.82
C3' US5 F 4 7.57 30.74 9.81
O3' US5 F 4 7.55 31.99 10.47
C4' US5 F 4 6.76 30.68 8.52
O4' US5 F 4 6.58 29.25 8.30
C5' US5 F 4 7.39 31.36 7.32
O5' US5 F 4 8.77 30.96 7.15
OP1 US5 F 4 9.47 32.92 5.92
#